data_4ONS
#
_entry.id   4ONS
#
_cell.length_a   96.125
_cell.length_b   96.125
_cell.length_c   65.517
_cell.angle_alpha   90.00
_cell.angle_beta   90.00
_cell.angle_gamma   120.00
#
_symmetry.space_group_name_H-M   'P 31'
#
loop_
_entity.id
_entity.type
_entity.pdbx_description
1 polymer 'Catenin alpha-2'
2 polymer 'Catenin beta-1'
3 water water
#
loop_
_entity_poly.entity_id
_entity_poly.type
_entity_poly.pdbx_seq_one_letter_code
_entity_poly.pdbx_strand_id
1 'polypeptide(L)'
;MEIRTLTVERLLEPLVTQVTTLVNTSNKGPSGKKKGRSKKAHVLAASVEQATQNFLEKGEQIAKESQDLKEELVAAVEDV
RKQGETMRIASSEFADDPCSSVKRGTMVRAARALLSAVTRLLILADMADVMRLLSHLKIVEEALEAVKNATNEQDLANRF
KEFGKEMVKLNYVAARRQQELKDPHCRDEMAAARGALKKNATMLYTASQAFLRHPDVAATRANRDYVFKQVQEAIAGISS
AAQATSPT
;
A,C
2 'polypeptide(L)'
;MGSSHHHHHHSQDPQVADIDGQYAMTRAQRVRAAMFPETLDEGMQIPSTQFDAAHPTNVQRLAEPSQMLKHAVVNLINYQ
DDAELATR
;
B,D
#
# COMPACT_ATOMS: atom_id res chain seq x y z
N GLU A 2 3.11 -29.42 -4.26
CA GLU A 2 4.08 -28.35 -4.12
C GLU A 2 3.43 -27.07 -3.57
N ILE A 3 3.01 -27.12 -2.32
CA ILE A 3 2.42 -25.96 -1.65
C ILE A 3 3.13 -25.69 -0.32
N ARG A 4 3.16 -26.71 0.54
CA ARG A 4 3.98 -26.69 1.76
C ARG A 4 3.69 -25.52 2.70
N THR A 5 2.42 -25.34 3.07
CA THR A 5 2.06 -24.33 4.06
C THR A 5 2.22 -24.88 5.48
N LEU A 6 2.53 -26.17 5.58
CA LEU A 6 2.58 -26.87 6.85
C LEU A 6 3.64 -26.30 7.79
N THR A 7 4.81 -25.99 7.25
CA THR A 7 5.92 -25.55 8.08
C THR A 7 5.66 -24.17 8.70
N VAL A 8 4.98 -23.29 7.97
CA VAL A 8 4.63 -21.98 8.51
C VAL A 8 3.46 -22.09 9.48
N GLU A 9 2.51 -22.96 9.13
CA GLU A 9 1.35 -23.23 9.97
C GLU A 9 1.77 -23.74 11.36
N ARG A 10 2.85 -24.53 11.40
CA ARG A 10 3.40 -25.05 12.65
C ARG A 10 3.97 -23.95 13.54
N LEU A 11 4.65 -22.98 12.93
CA LEU A 11 5.31 -21.92 13.69
C LEU A 11 4.30 -21.00 14.37
N LEU A 12 3.14 -20.82 13.74
CA LEU A 12 2.12 -19.91 14.25
C LEU A 12 1.14 -20.62 15.18
N GLU A 13 1.11 -21.94 15.10
CA GLU A 13 0.25 -22.76 15.95
C GLU A 13 0.40 -22.46 17.46
N PRO A 14 1.63 -22.21 17.95
CA PRO A 14 1.71 -21.78 19.35
C PRO A 14 0.92 -20.51 19.65
N LEU A 15 0.87 -19.60 18.69
CA LEU A 15 0.14 -18.34 18.89
C LEU A 15 -1.36 -18.57 18.90
N VAL A 16 -1.84 -19.41 17.97
CA VAL A 16 -3.26 -19.74 17.93
C VAL A 16 -3.69 -20.46 19.20
N THR A 17 -2.84 -21.34 19.71
CA THR A 17 -3.19 -22.14 20.88
C THR A 17 -3.09 -21.30 22.17
N GLN A 18 -2.22 -20.31 22.18
CA GLN A 18 -2.04 -19.45 23.35
C GLN A 18 -3.26 -18.56 23.55
N VAL A 19 -3.86 -18.13 22.45
CA VAL A 19 -4.95 -17.17 22.51
C VAL A 19 -6.30 -17.89 22.69
N THR A 20 -6.34 -19.18 22.37
CA THR A 20 -7.55 -19.97 22.57
C THR A 20 -7.51 -20.70 23.91
N THR A 21 -6.55 -20.32 24.75
CA THR A 21 -6.48 -20.84 26.10
C THR A 21 -7.48 -20.11 26.99
N LEU A 22 -8.18 -20.86 27.83
CA LEU A 22 -9.16 -20.29 28.73
C LEU A 22 -8.47 -19.66 29.94
N VAL A 23 -8.29 -18.34 29.88
CA VAL A 23 -7.55 -17.61 30.91
C VAL A 23 -8.19 -17.75 32.28
N GLY A 36 -29.16 -21.51 33.04
CA GLY A 36 -30.10 -20.87 32.15
C GLY A 36 -29.45 -20.28 30.91
N ARG A 37 -30.24 -19.60 30.10
CA ARG A 37 -29.75 -18.98 28.87
C ARG A 37 -29.20 -17.59 29.14
N SER A 38 -27.94 -17.36 28.75
CA SER A 38 -27.32 -16.06 28.95
C SER A 38 -27.53 -15.15 27.73
N LYS A 39 -28.05 -13.96 27.99
CA LYS A 39 -28.28 -12.98 26.93
C LYS A 39 -26.96 -12.32 26.54
N LYS A 40 -26.15 -12.03 27.55
CA LYS A 40 -24.86 -11.37 27.33
C LYS A 40 -23.84 -12.29 26.66
N ALA A 41 -24.13 -13.58 26.65
CA ALA A 41 -23.27 -14.53 25.98
C ALA A 41 -23.67 -14.66 24.51
N HIS A 42 -24.95 -14.43 24.24
CA HIS A 42 -25.46 -14.54 22.87
C HIS A 42 -25.05 -13.36 22.01
N VAL A 43 -24.79 -12.22 22.63
CA VAL A 43 -24.32 -11.06 21.88
C VAL A 43 -22.85 -11.26 21.50
N LEU A 44 -22.07 -11.76 22.45
CA LEU A 44 -20.68 -12.17 22.18
C LEU A 44 -20.65 -13.19 21.04
N ALA A 45 -21.58 -14.14 21.08
CA ALA A 45 -21.70 -15.15 20.04
C ALA A 45 -22.04 -14.50 18.70
N ALA A 46 -22.92 -13.51 18.74
CA ALA A 46 -23.31 -12.76 17.54
C ALA A 46 -22.10 -12.00 16.98
N SER A 47 -21.39 -11.32 17.87
CA SER A 47 -20.18 -10.59 17.52
C SER A 47 -19.20 -11.45 16.72
N VAL A 48 -18.95 -12.65 17.22
CA VAL A 48 -18.08 -13.61 16.54
C VAL A 48 -18.62 -13.98 15.17
N GLU A 49 -19.93 -14.20 15.09
CA GLU A 49 -20.56 -14.53 13.83
C GLU A 49 -20.43 -13.38 12.83
N GLN A 50 -20.59 -12.16 13.33
CA GLN A 50 -20.41 -10.96 12.53
C GLN A 50 -18.97 -10.81 12.07
N ALA A 51 -18.04 -11.00 12.99
CA ALA A 51 -16.62 -10.96 12.68
C ALA A 51 -16.26 -12.04 11.66
N THR A 52 -16.91 -13.19 11.77
CA THR A 52 -16.72 -14.28 10.82
C THR A 52 -17.16 -13.86 9.43
N GLN A 53 -18.37 -13.32 9.34
CA GLN A 53 -18.92 -12.88 8.07
C GLN A 53 -18.10 -11.75 7.43
N ASN A 54 -17.62 -10.83 8.24
CA ASN A 54 -16.78 -9.75 7.74
C ASN A 54 -15.46 -10.26 7.18
N PHE A 55 -14.85 -11.20 7.88
CA PHE A 55 -13.60 -11.79 7.43
C PHE A 55 -13.84 -12.60 6.15
N LEU A 56 -14.96 -13.31 6.12
CA LEU A 56 -15.31 -14.11 4.95
C LEU A 56 -15.49 -13.23 3.72
N GLU A 57 -15.98 -12.02 3.92
CA GLU A 57 -16.25 -11.10 2.82
C GLU A 57 -14.96 -10.59 2.18
N LYS A 58 -13.93 -10.34 3.00
CA LYS A 58 -12.64 -9.88 2.49
C LYS A 58 -11.87 -11.00 1.80
N GLY A 59 -12.00 -12.22 2.33
CA GLY A 59 -11.30 -13.37 1.78
C GLY A 59 -11.83 -13.77 0.43
N GLU A 60 -13.16 -13.66 0.26
CA GLU A 60 -13.78 -13.94 -1.02
C GLU A 60 -13.34 -12.91 -2.05
N GLN A 61 -13.28 -11.65 -1.64
CA GLN A 61 -12.85 -10.56 -2.50
C GLN A 61 -11.41 -10.75 -2.93
N ILE A 62 -10.56 -11.13 -1.98
CA ILE A 62 -9.13 -11.29 -2.23
C ILE A 62 -8.83 -12.54 -3.07
N ALA A 63 -9.59 -13.60 -2.85
CA ALA A 63 -9.42 -14.82 -3.63
C ALA A 63 -9.84 -14.60 -5.07
N LYS A 64 -10.81 -13.69 -5.27
CA LYS A 64 -11.33 -13.38 -6.58
C LYS A 64 -10.34 -12.57 -7.40
N GLU A 65 -9.84 -11.49 -6.82
CA GLU A 65 -8.96 -10.57 -7.52
C GLU A 65 -7.56 -11.16 -7.74
N SER A 66 -7.19 -12.12 -6.90
CA SER A 66 -5.85 -12.71 -6.97
C SER A 66 -5.59 -13.40 -8.29
N GLN A 67 -4.44 -13.12 -8.89
CA GLN A 67 -4.08 -13.70 -10.17
C GLN A 67 -3.30 -14.99 -10.00
N ASP A 68 -3.01 -15.33 -8.75
CA ASP A 68 -2.28 -16.55 -8.45
C ASP A 68 -3.02 -17.35 -7.38
N LEU A 69 -2.87 -18.67 -7.43
CA LEU A 69 -3.45 -19.57 -6.44
C LEU A 69 -4.95 -19.36 -6.24
N LYS A 70 -5.68 -19.07 -7.32
CA LYS A 70 -7.11 -18.83 -7.21
C LYS A 70 -7.83 -20.04 -6.61
N GLU A 71 -7.65 -21.21 -7.21
CA GLU A 71 -8.35 -22.40 -6.77
C GLU A 71 -7.96 -22.79 -5.34
N GLU A 72 -6.67 -22.66 -5.04
CA GLU A 72 -6.18 -22.92 -3.69
C GLU A 72 -6.77 -21.93 -2.67
N LEU A 73 -6.74 -20.64 -3.01
CA LEU A 73 -7.27 -19.60 -2.11
C LEU A 73 -8.77 -19.73 -1.89
N VAL A 74 -9.50 -20.15 -2.93
CA VAL A 74 -10.94 -20.32 -2.78
C VAL A 74 -11.21 -21.47 -1.84
N ALA A 75 -10.44 -22.56 -1.99
CA ALA A 75 -10.54 -23.70 -1.08
C ALA A 75 -10.25 -23.28 0.35
N ALA A 76 -9.31 -22.35 0.51
CA ALA A 76 -8.94 -21.85 1.82
C ALA A 76 -10.07 -21.05 2.47
N VAL A 77 -10.86 -20.35 1.65
CA VAL A 77 -11.98 -19.60 2.19
C VAL A 77 -13.14 -20.52 2.52
N GLU A 78 -13.31 -21.57 1.72
CA GLU A 78 -14.37 -22.55 1.97
C GLU A 78 -14.11 -23.28 3.27
N ASP A 79 -12.85 -23.59 3.53
CA ASP A 79 -12.42 -24.19 4.78
C ASP A 79 -12.74 -23.26 5.95
N VAL A 80 -12.40 -21.97 5.81
CA VAL A 80 -12.67 -20.97 6.85
C VAL A 80 -14.17 -20.86 7.13
N ARG A 81 -14.97 -20.88 6.07
CA ARG A 81 -16.42 -20.82 6.20
C ARG A 81 -16.95 -22.02 6.98
N LYS A 82 -16.53 -23.22 6.56
CA LYS A 82 -16.94 -24.45 7.23
C LYS A 82 -16.62 -24.40 8.71
N GLN A 83 -15.39 -24.00 9.04
CA GLN A 83 -14.99 -23.90 10.44
C GLN A 83 -15.80 -22.84 11.16
N GLY A 84 -16.22 -21.82 10.42
CA GLY A 84 -17.01 -20.74 10.96
C GLY A 84 -18.39 -21.24 11.39
N GLU A 85 -18.99 -22.07 10.55
CA GLU A 85 -20.31 -22.65 10.85
C GLU A 85 -20.25 -23.58 12.06
N THR A 86 -19.20 -24.39 12.12
CA THR A 86 -19.00 -25.28 13.25
C THR A 86 -18.83 -24.46 14.53
N MET A 87 -18.12 -23.36 14.43
CA MET A 87 -17.94 -22.45 15.56
C MET A 87 -19.24 -21.74 15.93
N ARG A 88 -20.01 -21.38 14.90
CA ARG A 88 -21.30 -20.76 15.09
C ARG A 88 -22.24 -21.66 15.88
N ILE A 89 -22.37 -22.90 15.41
CA ILE A 89 -23.22 -23.89 16.05
C ILE A 89 -22.79 -24.17 17.48
N ALA A 90 -21.50 -24.33 17.69
CA ALA A 90 -20.98 -24.63 19.02
C ALA A 90 -21.22 -23.48 19.98
N SER A 91 -20.99 -22.26 19.51
CA SER A 91 -21.16 -21.07 20.35
C SER A 91 -22.61 -20.79 20.68
N SER A 92 -23.52 -21.22 19.80
CA SER A 92 -24.94 -21.06 20.04
C SER A 92 -25.40 -22.04 21.12
N GLU A 93 -24.93 -23.28 21.04
CA GLU A 93 -25.23 -24.30 22.04
C GLU A 93 -24.70 -23.90 23.41
N PHE A 94 -23.52 -23.30 23.43
CA PHE A 94 -22.86 -22.90 24.66
C PHE A 94 -23.59 -21.73 25.33
N ALA A 95 -24.02 -20.77 24.52
CA ALA A 95 -24.68 -19.58 25.04
C ALA A 95 -26.05 -19.94 25.63
N ASP A 96 -26.61 -21.05 25.17
CA ASP A 96 -27.87 -21.56 25.70
C ASP A 96 -27.73 -22.00 27.16
N ASP A 97 -26.52 -22.43 27.54
CA ASP A 97 -26.23 -22.79 28.93
C ASP A 97 -24.72 -22.77 29.20
N PRO A 98 -24.21 -21.59 29.62
CA PRO A 98 -22.77 -21.38 29.83
C PRO A 98 -22.18 -22.14 31.01
N CYS A 99 -22.97 -22.97 31.66
CA CYS A 99 -22.51 -23.71 32.84
C CYS A 99 -21.79 -25.00 32.46
N SER A 100 -22.08 -25.53 31.29
CA SER A 100 -21.51 -26.81 30.88
C SER A 100 -20.07 -26.68 30.41
N SER A 101 -19.23 -27.58 30.88
CA SER A 101 -17.82 -27.60 30.49
C SER A 101 -17.66 -28.28 29.13
N VAL A 102 -18.56 -29.20 28.84
CA VAL A 102 -18.49 -29.97 27.60
C VAL A 102 -18.75 -29.07 26.39
N LYS A 103 -19.77 -28.23 26.47
CA LYS A 103 -20.11 -27.32 25.39
C LYS A 103 -19.16 -26.13 25.34
N ARG A 104 -18.60 -25.80 26.50
CA ARG A 104 -17.53 -24.82 26.59
C ARG A 104 -16.31 -25.32 25.81
N GLY A 105 -15.96 -26.58 26.03
CA GLY A 105 -14.81 -27.20 25.39
C GLY A 105 -15.02 -27.46 23.90
N THR A 106 -16.24 -27.79 23.53
CA THR A 106 -16.57 -28.01 22.12
C THR A 106 -16.46 -26.70 21.34
N MET A 107 -16.80 -25.59 22.01
CA MET A 107 -16.67 -24.27 21.41
C MET A 107 -15.21 -23.87 21.28
N VAL A 108 -14.44 -24.04 22.36
CA VAL A 108 -13.04 -23.67 22.38
C VAL A 108 -12.26 -24.40 21.29
N ARG A 109 -12.53 -25.69 21.15
CA ARG A 109 -11.88 -26.48 20.11
C ARG A 109 -12.33 -26.03 18.71
N ALA A 110 -13.59 -25.65 18.57
CA ALA A 110 -14.10 -25.16 17.29
C ALA A 110 -13.46 -23.82 16.96
N ALA A 111 -13.20 -23.03 17.99
CA ALA A 111 -12.55 -21.74 17.82
C ALA A 111 -11.10 -21.90 17.35
N ARG A 112 -10.39 -22.82 17.99
CA ARG A 112 -8.99 -23.09 17.66
C ARG A 112 -8.87 -23.61 16.23
N ALA A 113 -9.88 -24.34 15.79
CA ALA A 113 -9.90 -24.84 14.43
C ALA A 113 -10.17 -23.70 13.46
N LEU A 114 -11.06 -22.79 13.86
CA LEU A 114 -11.43 -21.68 13.00
C LEU A 114 -10.23 -20.77 12.74
N LEU A 115 -9.53 -20.40 13.81
CA LEU A 115 -8.39 -19.49 13.69
C LEU A 115 -7.24 -20.13 12.94
N SER A 116 -7.18 -21.46 12.99
CA SER A 116 -6.13 -22.18 12.28
C SER A 116 -6.39 -22.19 10.78
N ALA A 117 -7.68 -22.15 10.42
CA ALA A 117 -8.09 -22.08 9.03
C ALA A 117 -7.85 -20.66 8.51
N VAL A 118 -8.10 -19.68 9.38
CA VAL A 118 -7.79 -18.28 9.09
C VAL A 118 -6.29 -18.12 8.85
N THR A 119 -5.51 -18.68 9.76
CA THR A 119 -4.05 -18.59 9.69
C THR A 119 -3.51 -19.21 8.41
N ARG A 120 -4.12 -20.31 7.98
CA ARG A 120 -3.68 -20.96 6.76
C ARG A 120 -4.04 -20.13 5.53
N LEU A 121 -5.17 -19.42 5.61
CA LEU A 121 -5.59 -18.55 4.53
C LEU A 121 -4.61 -17.40 4.35
N LEU A 122 -4.19 -16.81 5.46
CA LEU A 122 -3.21 -15.72 5.42
C LEU A 122 -1.92 -16.20 4.77
N ILE A 123 -1.48 -17.41 5.14
CA ILE A 123 -0.24 -17.96 4.61
C ILE A 123 -0.31 -18.13 3.08
N LEU A 124 -1.44 -18.60 2.58
CA LEU A 124 -1.65 -18.69 1.14
C LEU A 124 -1.68 -17.31 0.50
N ALA A 125 -2.42 -16.40 1.13
CA ALA A 125 -2.56 -15.04 0.64
C ALA A 125 -1.20 -14.34 0.52
N ASP A 126 -0.31 -14.63 1.47
CA ASP A 126 1.05 -14.09 1.43
C ASP A 126 1.84 -14.70 0.29
N MET A 127 1.61 -15.98 0.00
CA MET A 127 2.32 -16.68 -1.06
C MET A 127 1.93 -16.12 -2.42
N ALA A 128 0.75 -15.52 -2.47
CA ALA A 128 0.26 -14.91 -3.70
C ALA A 128 0.74 -13.46 -3.80
N ASP A 129 0.89 -12.81 -2.64
CA ASP A 129 1.51 -11.48 -2.58
C ASP A 129 2.89 -11.52 -3.21
N VAL A 130 3.61 -12.62 -2.97
CA VAL A 130 4.98 -12.76 -3.43
C VAL A 130 5.03 -13.10 -4.92
N MET A 131 3.99 -13.77 -5.41
CA MET A 131 3.96 -14.11 -6.82
C MET A 131 3.48 -12.92 -7.66
N ARG A 132 2.61 -12.10 -7.06
CA ARG A 132 2.21 -10.83 -7.67
C ARG A 132 3.41 -9.89 -7.75
N LEU A 133 4.25 -9.93 -6.71
CA LEU A 133 5.44 -9.10 -6.66
C LEU A 133 6.43 -9.48 -7.75
N LEU A 134 6.69 -10.78 -7.88
CA LEU A 134 7.70 -11.26 -8.81
C LEU A 134 7.25 -11.17 -10.27
N SER A 135 5.94 -11.01 -10.47
CA SER A 135 5.38 -10.93 -11.81
C SER A 135 5.90 -9.71 -12.56
N HIS A 136 6.28 -8.67 -11.82
CA HIS A 136 6.80 -7.44 -12.39
C HIS A 136 8.01 -7.69 -13.27
N LEU A 137 8.79 -8.72 -12.92
CA LEU A 137 9.94 -9.11 -13.72
C LEU A 137 9.50 -9.64 -15.07
N LYS A 138 8.45 -10.44 -15.07
CA LYS A 138 7.93 -11.02 -16.31
C LYS A 138 7.22 -9.96 -17.15
N ILE A 139 6.52 -9.04 -16.48
CA ILE A 139 5.81 -7.97 -17.17
C ILE A 139 6.80 -7.07 -17.91
N VAL A 140 7.91 -6.75 -17.25
CA VAL A 140 8.96 -5.94 -17.87
C VAL A 140 9.67 -6.71 -18.98
N GLU A 141 9.94 -7.99 -18.73
CA GLU A 141 10.56 -8.84 -19.73
C GLU A 141 9.68 -8.99 -20.97
N GLU A 142 8.37 -9.08 -20.76
CA GLU A 142 7.42 -9.17 -21.86
C GLU A 142 7.26 -7.83 -22.57
N ALA A 143 7.55 -6.75 -21.84
CA ALA A 143 7.50 -5.41 -22.40
C ALA A 143 8.68 -5.17 -23.33
N LEU A 144 9.80 -5.82 -23.04
CA LEU A 144 11.00 -5.69 -23.86
C LEU A 144 11.01 -6.69 -25.01
N GLU A 145 10.07 -7.64 -24.99
CA GLU A 145 9.83 -8.52 -26.13
C GLU A 145 9.09 -7.76 -27.21
N ALA A 146 8.21 -6.85 -26.78
CA ALA A 146 7.45 -6.01 -27.70
C ALA A 146 8.36 -5.01 -28.38
N VAL A 147 9.33 -4.50 -27.63
CA VAL A 147 10.34 -3.58 -28.17
C VAL A 147 11.17 -4.31 -29.21
N LYS A 148 11.53 -5.56 -28.91
CA LYS A 148 12.34 -6.38 -29.80
C LYS A 148 11.60 -6.77 -31.07
N ASN A 149 10.30 -7.05 -30.95
CA ASN A 149 9.53 -7.54 -32.08
C ASN A 149 8.63 -6.48 -32.73
N ALA A 150 9.08 -5.23 -32.68
CA ALA A 150 8.30 -4.13 -33.25
C ALA A 150 8.95 -3.61 -34.54
N ASN A 152 8.13 -1.26 -37.76
CA ASN A 152 8.11 0.17 -38.06
C ASN A 152 8.62 1.01 -36.90
N GLU A 153 9.17 2.17 -37.22
CA GLU A 153 9.77 3.05 -36.20
C GLU A 153 8.74 3.58 -35.21
N GLN A 154 7.48 3.64 -35.63
CA GLN A 154 6.41 4.14 -34.77
C GLN A 154 6.15 3.22 -33.59
N ASP A 155 6.18 1.91 -33.85
CA ASP A 155 5.99 0.92 -32.79
C ASP A 155 7.08 1.00 -31.72
N LEU A 156 8.34 1.06 -32.17
CA LEU A 156 9.49 1.08 -31.27
C LEU A 156 9.41 2.19 -30.22
N ALA A 157 9.08 3.40 -30.67
CA ALA A 157 8.91 4.52 -29.76
C ALA A 157 7.79 4.23 -28.78
N ASN A 158 6.71 3.64 -29.28
CA ASN A 158 5.56 3.28 -28.46
C ASN A 158 5.85 2.15 -27.48
N ARG A 159 6.45 1.08 -27.99
CA ARG A 159 6.79 -0.08 -27.16
C ARG A 159 7.78 0.31 -26.07
N PHE A 160 8.57 1.35 -26.33
CA PHE A 160 9.55 1.81 -25.34
C PHE A 160 8.89 2.74 -24.32
N LYS A 161 7.71 3.24 -24.65
CA LYS A 161 6.91 4.02 -23.72
C LYS A 161 6.28 3.09 -22.68
N GLU A 162 5.76 1.96 -23.16
CA GLU A 162 5.13 0.97 -22.29
C GLU A 162 6.15 0.39 -21.32
N PHE A 163 7.35 0.10 -21.83
CA PHE A 163 8.43 -0.44 -21.01
C PHE A 163 8.76 0.48 -19.84
N GLY A 164 9.09 1.73 -20.15
CA GLY A 164 9.49 2.70 -19.15
C GLY A 164 8.44 2.90 -18.06
N LYS A 165 7.17 2.73 -18.43
CA LYS A 165 6.07 2.81 -17.47
C LYS A 165 6.09 1.62 -16.54
N GLU A 166 6.21 0.43 -17.12
CA GLU A 166 6.29 -0.80 -16.36
C GLU A 166 7.59 -0.83 -15.55
N MET A 167 8.65 -0.26 -16.12
CA MET A 167 9.94 -0.25 -15.45
C MET A 167 9.93 0.62 -14.21
N VAL A 168 9.23 1.76 -14.29
CA VAL A 168 9.09 2.65 -13.15
C VAL A 168 8.34 1.94 -12.02
N LYS A 169 7.32 1.18 -12.39
CA LYS A 169 6.56 0.39 -11.43
C LYS A 169 7.40 -0.79 -10.91
N LEU A 170 8.44 -1.14 -11.66
CA LEU A 170 9.39 -2.16 -11.21
C LEU A 170 10.51 -1.52 -10.39
N ASN A 171 10.80 -0.26 -10.68
CA ASN A 171 11.82 0.48 -9.95
C ASN A 171 11.42 0.72 -8.50
N TYR A 172 10.12 0.79 -8.25
CA TYR A 172 9.59 0.93 -6.90
C TYR A 172 9.90 -0.30 -6.05
N VAL A 173 9.55 -1.46 -6.59
CA VAL A 173 9.75 -2.74 -5.90
C VAL A 173 11.22 -3.04 -5.67
N ALA A 174 12.02 -2.86 -6.71
CA ALA A 174 13.44 -3.17 -6.66
C ALA A 174 14.21 -2.20 -5.78
N ALA A 175 13.69 -0.99 -5.62
CA ALA A 175 14.30 -0.03 -4.71
C ALA A 175 14.03 -0.39 -3.26
N ARG A 176 12.79 -0.80 -2.98
CA ARG A 176 12.41 -1.21 -1.64
C ARG A 176 13.14 -2.48 -1.23
N ARG A 177 13.43 -3.33 -2.21
CA ARG A 177 14.11 -4.60 -1.94
C ARG A 177 15.60 -4.40 -1.74
N GLN A 178 16.17 -3.42 -2.44
CA GLN A 178 17.61 -3.15 -2.34
C GLN A 178 17.95 -2.47 -1.02
N GLN A 179 17.00 -1.71 -0.47
CA GLN A 179 17.20 -1.07 0.82
C GLN A 179 17.02 -2.07 1.97
N GLU A 180 16.26 -3.13 1.71
CA GLU A 180 15.97 -4.14 2.71
C GLU A 180 17.12 -5.12 2.85
N LEU A 181 18.04 -5.10 1.89
CA LEU A 181 19.18 -6.01 1.91
C LEU A 181 20.15 -5.65 3.03
N LYS A 182 20.51 -6.66 3.81
CA LYS A 182 21.41 -6.46 4.94
C LYS A 182 22.87 -6.63 4.53
N ASP A 183 23.14 -7.72 3.80
CA ASP A 183 24.48 -8.00 3.32
C ASP A 183 24.91 -6.98 2.28
N PRO A 184 26.05 -6.31 2.52
CA PRO A 184 26.57 -5.27 1.62
C PRO A 184 26.93 -5.81 0.24
N HIS A 185 27.40 -7.05 0.18
CA HIS A 185 27.75 -7.67 -1.10
C HIS A 185 26.50 -7.91 -1.93
N CYS A 186 25.38 -8.16 -1.26
CA CYS A 186 24.11 -8.40 -1.93
C CYS A 186 23.48 -7.10 -2.41
N ARG A 187 23.78 -6.01 -1.71
CA ARG A 187 23.30 -4.69 -2.10
C ARG A 187 23.90 -4.28 -3.45
N ASP A 188 25.15 -4.64 -3.66
CA ASP A 188 25.86 -4.32 -4.90
C ASP A 188 25.33 -5.14 -6.07
N GLU A 189 25.02 -6.40 -5.82
CA GLU A 189 24.47 -7.29 -6.84
C GLU A 189 23.15 -6.76 -7.39
N MET A 190 22.31 -6.27 -6.48
CA MET A 190 21.00 -5.74 -6.85
C MET A 190 21.12 -4.51 -7.75
N ALA A 191 22.00 -3.59 -7.36
CA ALA A 191 22.22 -2.36 -8.12
C ALA A 191 22.92 -2.65 -9.44
N ALA A 192 23.63 -3.78 -9.49
CA ALA A 192 24.35 -4.19 -10.69
C ALA A 192 23.39 -4.74 -11.73
N ALA A 193 22.57 -5.70 -11.32
CA ALA A 193 21.61 -6.33 -12.21
C ALA A 193 20.56 -5.31 -12.68
N ARG A 194 20.09 -4.48 -11.74
CA ARG A 194 19.13 -3.44 -12.05
C ARG A 194 19.76 -2.37 -12.93
N GLY A 195 21.07 -2.21 -12.80
CA GLY A 195 21.81 -1.29 -13.65
C GLY A 195 22.08 -1.90 -15.01
N ALA A 196 22.20 -3.23 -15.05
CA ALA A 196 22.47 -3.94 -16.28
C ALA A 196 21.24 -3.99 -17.19
N LEU A 197 20.07 -4.16 -16.58
CA LEU A 197 18.81 -4.15 -17.32
C LEU A 197 18.55 -2.78 -17.93
N LYS A 198 18.93 -1.73 -17.21
CA LYS A 198 18.71 -0.35 -17.62
C LYS A 198 19.45 -0.02 -18.91
N LYS A 199 20.73 -0.40 -18.99
CA LYS A 199 21.54 -0.08 -20.16
C LYS A 199 21.17 -0.93 -21.36
N ASN A 200 21.02 -2.23 -21.15
CA ASN A 200 20.71 -3.16 -22.24
C ASN A 200 19.32 -2.93 -22.83
N ALA A 201 18.43 -2.35 -22.04
CA ALA A 201 17.10 -2.00 -22.52
C ALA A 201 17.19 -0.92 -23.59
N THR A 202 18.11 0.03 -23.39
CA THR A 202 18.36 1.08 -24.37
C THR A 202 19.10 0.50 -25.57
N MET A 203 20.08 -0.36 -25.30
CA MET A 203 20.81 -1.07 -26.34
C MET A 203 19.86 -1.92 -27.17
N LEU A 204 18.77 -2.36 -26.55
CA LEU A 204 17.74 -3.11 -27.26
C LEU A 204 16.99 -2.19 -28.23
N TYR A 205 16.75 -0.96 -27.79
CA TYR A 205 16.05 0.02 -28.62
C TYR A 205 16.91 0.40 -29.83
N THR A 206 18.20 0.61 -29.58
CA THR A 206 19.16 0.90 -30.64
C THR A 206 19.28 -0.26 -31.61
N ALA A 207 19.27 -1.48 -31.07
CA ALA A 207 19.42 -2.69 -31.87
C ALA A 207 18.16 -2.98 -32.68
N SER A 208 17.01 -2.75 -32.07
CA SER A 208 15.74 -2.95 -32.76
C SER A 208 15.58 -1.92 -33.86
N GLN A 209 16.13 -0.73 -33.63
CA GLN A 209 16.10 0.35 -34.61
C GLN A 209 16.99 0.00 -35.80
N ALA A 210 18.15 -0.56 -35.50
CA ALA A 210 19.12 -0.94 -36.51
C ALA A 210 18.63 -2.11 -37.37
N PHE A 211 17.60 -2.81 -36.92
CA PHE A 211 17.08 -3.94 -37.69
C PHE A 211 15.97 -3.49 -38.63
N LEU A 212 15.26 -2.42 -38.27
CA LEU A 212 14.22 -1.88 -39.13
C LEU A 212 14.83 -1.26 -40.39
N ARG A 213 15.94 -0.56 -40.19
CA ARG A 213 16.63 0.13 -41.27
C ARG A 213 17.43 -0.82 -42.14
N HIS A 214 17.76 -1.99 -41.59
CA HIS A 214 18.51 -3.00 -42.33
C HIS A 214 17.99 -4.41 -42.05
N PRO A 215 16.80 -4.72 -42.60
CA PRO A 215 16.14 -6.02 -42.37
C PRO A 215 16.89 -7.19 -43.01
N ASP A 216 17.73 -6.91 -44.00
CA ASP A 216 18.39 -7.96 -44.76
C ASP A 216 19.82 -8.22 -44.29
N VAL A 217 20.28 -7.44 -43.32
CA VAL A 217 21.58 -7.68 -42.70
C VAL A 217 21.41 -8.67 -41.55
N ALA A 218 22.00 -9.85 -41.69
CA ALA A 218 21.81 -10.91 -40.70
C ALA A 218 22.35 -10.53 -39.33
N ALA A 219 23.40 -9.72 -39.31
CA ALA A 219 24.04 -9.33 -38.06
C ALA A 219 23.15 -8.39 -37.23
N THR A 220 22.31 -7.61 -37.90
CA THR A 220 21.35 -6.75 -37.20
C THR A 220 20.36 -7.57 -36.39
N ARG A 221 19.89 -8.67 -36.98
CA ARG A 221 18.98 -9.58 -36.29
C ARG A 221 19.74 -10.32 -35.20
N ALA A 222 20.99 -10.68 -35.49
CA ALA A 222 21.84 -11.42 -34.56
C ALA A 222 22.18 -10.61 -33.30
N ASN A 223 22.37 -9.30 -33.47
CA ASN A 223 22.69 -8.44 -32.35
C ASN A 223 21.45 -8.19 -31.49
N ARG A 224 20.31 -8.04 -32.15
CA ARG A 224 19.05 -7.78 -31.46
C ARG A 224 18.69 -8.97 -30.58
N ASP A 225 18.83 -10.18 -31.12
CA ASP A 225 18.58 -11.40 -30.36
C ASP A 225 19.56 -11.54 -29.20
N TYR A 226 20.80 -11.14 -29.44
CA TYR A 226 21.84 -11.19 -28.42
C TYR A 226 21.56 -10.21 -27.29
N VAL A 227 21.27 -8.96 -27.65
CA VAL A 227 21.00 -7.92 -26.66
C VAL A 227 19.80 -8.30 -25.80
N PHE A 228 18.83 -8.97 -26.40
CA PHE A 228 17.64 -9.39 -25.66
C PHE A 228 18.00 -10.48 -24.65
N LYS A 229 18.95 -11.33 -25.01
CA LYS A 229 19.46 -12.33 -24.09
C LYS A 229 20.12 -11.62 -22.89
N GLN A 230 20.82 -10.53 -23.17
CA GLN A 230 21.43 -9.72 -22.12
C GLN A 230 20.37 -9.15 -21.18
N VAL A 231 19.20 -8.86 -21.74
CA VAL A 231 18.07 -8.35 -20.98
C VAL A 231 17.51 -9.44 -20.05
N GLN A 232 17.52 -10.68 -20.54
CA GLN A 232 17.11 -11.83 -19.75
C GLN A 232 17.98 -11.99 -18.51
N GLU A 233 19.30 -11.91 -18.71
CA GLU A 233 20.28 -12.17 -17.65
C GLU A 233 20.17 -11.19 -16.49
N ALA A 234 19.74 -9.96 -16.78
CA ALA A 234 19.59 -8.95 -15.74
C ALA A 234 18.28 -9.15 -14.98
N ILE A 235 17.21 -9.43 -15.72
CA ILE A 235 15.91 -9.74 -15.11
C ILE A 235 16.05 -10.91 -14.14
N ALA A 236 16.79 -11.93 -14.55
CA ALA A 236 17.05 -13.09 -13.71
C ALA A 236 17.98 -12.74 -12.55
N GLY A 237 18.93 -11.84 -12.81
CA GLY A 237 19.85 -11.38 -11.78
C GLY A 237 19.15 -10.54 -10.73
N ILE A 238 18.20 -9.71 -11.17
CA ILE A 238 17.38 -8.93 -10.27
C ILE A 238 16.54 -9.86 -9.39
N SER A 239 16.02 -10.92 -10.01
CA SER A 239 15.20 -11.91 -9.31
C SER A 239 16.00 -12.69 -8.28
N SER A 240 17.19 -13.14 -8.67
CA SER A 240 18.04 -13.95 -7.80
C SER A 240 18.55 -13.16 -6.60
N ALA A 241 18.75 -11.85 -6.80
CA ALA A 241 19.18 -10.97 -5.72
C ALA A 241 18.01 -10.68 -4.78
N ALA A 242 16.80 -10.86 -5.28
CA ALA A 242 15.59 -10.62 -4.50
C ALA A 242 15.21 -11.85 -3.67
N GLN A 243 15.20 -13.02 -4.29
CA GLN A 243 14.83 -14.25 -3.60
C GLN A 243 16.04 -14.91 -2.93
N ALA A 244 16.85 -14.10 -2.25
CA ALA A 244 18.03 -14.60 -1.54
C ALA A 244 18.48 -13.61 -0.48
N ASP B 20 11.30 -19.90 -3.15
CA ASP B 20 11.44 -19.68 -1.72
C ASP B 20 12.28 -18.44 -1.42
N GLY B 21 13.49 -18.66 -0.91
CA GLY B 21 14.40 -17.56 -0.62
C GLY B 21 13.98 -16.76 0.59
N GLN B 22 14.35 -15.48 0.60
CA GLN B 22 14.06 -14.61 1.73
C GLN B 22 12.57 -14.45 1.99
N TYR B 23 11.76 -14.59 0.94
CA TYR B 23 10.32 -14.39 1.08
C TYR B 23 9.64 -15.55 1.79
N ALA B 24 10.20 -16.76 1.65
CA ALA B 24 9.63 -17.92 2.34
C ALA B 24 10.10 -17.95 3.79
N MET B 25 11.36 -17.60 4.02
CA MET B 25 11.93 -17.63 5.36
C MET B 25 11.35 -16.56 6.29
N THR B 26 10.70 -15.56 5.70
CA THR B 26 10.14 -14.46 6.49
C THR B 26 8.61 -14.49 6.44
N ARG B 27 8.06 -15.50 5.78
CA ARG B 27 6.62 -15.62 5.63
C ARG B 27 5.93 -15.71 6.99
N ALA B 28 6.57 -16.37 7.94
CA ALA B 28 5.98 -16.56 9.26
C ALA B 28 5.80 -15.23 9.96
N GLN B 29 6.82 -14.38 9.90
CA GLN B 29 6.80 -13.10 10.61
C GLN B 29 5.79 -12.12 10.00
N ARG B 30 5.57 -12.22 8.69
CA ARG B 30 4.60 -11.36 8.03
C ARG B 30 3.17 -11.71 8.44
N VAL B 31 2.86 -13.01 8.41
CA VAL B 31 1.56 -13.50 8.86
C VAL B 31 1.37 -13.21 10.35
N ARG B 32 2.39 -13.53 11.14
CA ARG B 32 2.39 -13.27 12.57
C ARG B 32 2.14 -11.79 12.88
N ALA B 33 2.67 -10.91 12.04
CA ALA B 33 2.54 -9.47 12.27
C ALA B 33 1.12 -8.99 11.99
N ALA B 34 0.43 -9.65 11.07
CA ALA B 34 -0.89 -9.22 10.66
C ALA B 34 -1.99 -9.76 11.56
N MET B 35 -1.79 -10.96 12.11
CA MET B 35 -2.81 -11.57 12.94
C MET B 35 -2.46 -11.48 14.43
N PHE B 36 -1.17 -11.56 14.75
CA PHE B 36 -0.72 -11.40 16.13
C PHE B 36 0.32 -10.30 16.24
N PRO B 37 -0.07 -9.05 15.98
CA PRO B 37 0.93 -7.96 15.99
C PRO B 37 1.50 -7.71 17.39
N GLU B 38 0.73 -8.06 18.43
CA GLU B 38 1.15 -7.84 19.80
C GLU B 38 2.27 -8.79 20.21
N THR B 39 2.46 -9.85 19.43
CA THR B 39 3.48 -10.85 19.73
C THR B 39 4.85 -10.45 19.16
N LEU B 40 4.99 -9.18 18.80
CA LEU B 40 6.23 -8.68 18.23
C LEU B 40 6.95 -7.73 19.19
N ILE B 46 11.67 -6.95 8.39
CA ILE B 46 10.63 -7.72 7.72
C ILE B 46 10.33 -7.19 6.32
N PRO B 47 10.76 -7.94 5.29
CA PRO B 47 10.60 -7.59 3.86
C PRO B 47 9.14 -7.38 3.48
N SER B 48 8.87 -6.38 2.64
CA SER B 48 7.52 -6.15 2.15
C SER B 48 7.32 -6.87 0.83
N THR B 49 6.07 -7.09 0.46
CA THR B 49 5.73 -7.75 -0.79
C THR B 49 4.75 -6.90 -1.58
N GLN B 50 4.72 -5.61 -1.26
CA GLN B 50 3.81 -4.68 -1.92
C GLN B 50 4.39 -4.22 -3.25
N PHE B 51 3.59 -4.27 -4.33
CA PHE B 51 4.10 -3.97 -5.65
C PHE B 51 3.99 -2.48 -6.01
N ASP B 52 2.93 -1.82 -5.52
CA ASP B 52 2.93 -0.36 -5.52
C ASP B 52 2.17 0.16 -4.31
N ALA B 53 2.48 1.39 -3.93
CA ALA B 53 1.95 1.96 -2.70
C ALA B 53 0.45 2.19 -2.74
N ALA B 54 -0.13 2.15 -3.93
CA ALA B 54 -1.56 2.40 -4.07
C ALA B 54 -2.38 1.10 -3.94
N HIS B 55 -1.68 -0.02 -3.77
CA HIS B 55 -2.35 -1.31 -3.62
C HIS B 55 -1.82 -2.07 -2.41
N PRO B 56 -2.61 -2.11 -1.32
CA PRO B 56 -2.22 -2.90 -0.14
C PRO B 56 -2.28 -4.40 -0.42
N THR B 57 -1.40 -5.16 0.22
CA THR B 57 -1.32 -6.60 -0.03
C THR B 57 -2.48 -7.36 0.59
N ASN B 58 -2.65 -8.62 0.16
CA ASN B 58 -3.66 -9.51 0.71
C ASN B 58 -3.59 -9.57 2.22
N VAL B 59 -2.38 -9.74 2.73
CA VAL B 59 -2.14 -9.81 4.16
C VAL B 59 -2.49 -8.49 4.86
N GLN B 60 -2.16 -7.37 4.22
CA GLN B 60 -2.51 -6.07 4.78
C GLN B 60 -4.02 -5.86 4.79
N ARG B 61 -4.68 -6.31 3.73
CA ARG B 61 -6.13 -6.15 3.63
C ARG B 61 -6.88 -7.08 4.59
N LEU B 62 -6.27 -8.22 4.90
CA LEU B 62 -6.89 -9.21 5.77
C LEU B 62 -6.52 -9.07 7.24
N ALA B 63 -5.49 -8.26 7.52
CA ALA B 63 -4.97 -8.10 8.88
C ALA B 63 -6.05 -7.69 9.89
N GLU B 64 -6.72 -6.57 9.62
CA GLU B 64 -7.71 -6.06 10.57
C GLU B 64 -8.95 -6.95 10.74
N PRO B 65 -9.57 -7.42 9.64
CA PRO B 65 -10.68 -8.35 9.89
C PRO B 65 -10.24 -9.66 10.56
N SER B 66 -8.96 -10.01 10.44
CA SER B 66 -8.41 -11.17 11.12
C SER B 66 -8.27 -10.93 12.62
N GLN B 67 -7.83 -9.73 12.99
CA GLN B 67 -7.63 -9.40 14.39
C GLN B 67 -8.96 -9.25 15.12
N MET B 68 -9.94 -8.69 14.45
CA MET B 68 -11.25 -8.49 15.04
C MET B 68 -11.88 -9.83 15.38
N LEU B 69 -11.75 -10.78 14.46
CA LEU B 69 -12.25 -12.12 14.66
C LEU B 69 -11.65 -12.74 15.91
N LYS B 70 -10.33 -12.65 16.05
CA LYS B 70 -9.67 -13.26 17.20
C LYS B 70 -10.09 -12.58 18.49
N HIS B 71 -10.31 -11.26 18.44
CA HIS B 71 -10.72 -10.52 19.63
C HIS B 71 -12.14 -10.92 20.01
N ALA B 72 -12.95 -11.20 19.01
CA ALA B 72 -14.33 -11.63 19.23
C ALA B 72 -14.35 -13.01 19.87
N VAL B 73 -13.47 -13.88 19.38
CA VAL B 73 -13.38 -15.25 19.89
C VAL B 73 -12.92 -15.28 21.34
N VAL B 74 -11.89 -14.48 21.63
CA VAL B 74 -11.34 -14.40 22.98
C VAL B 74 -12.39 -13.96 24.00
N ASN B 75 -13.17 -12.94 23.64
CA ASN B 75 -14.24 -12.46 24.51
C ASN B 75 -15.29 -13.52 24.76
N LEU B 76 -15.66 -14.25 23.71
CA LEU B 76 -16.65 -15.30 23.81
C LEU B 76 -16.15 -16.44 24.69
N ILE B 77 -15.02 -17.02 24.30
CA ILE B 77 -14.38 -18.12 25.01
C ILE B 77 -14.20 -17.83 26.51
N ASN B 78 -13.90 -16.58 26.84
CA ASN B 78 -13.66 -16.18 28.22
C ASN B 78 -14.87 -15.56 28.91
N TYR B 79 -16.07 -15.97 28.50
CA TYR B 79 -17.29 -15.50 29.15
C TYR B 79 -17.45 -16.10 30.54
N GLN B 80 -17.87 -15.27 31.49
CA GLN B 80 -18.10 -15.71 32.86
C GLN B 80 -19.38 -15.09 33.42
N ILE C 3 -3.22 26.77 5.46
CA ILE C 3 -3.17 26.33 4.07
C ILE C 3 -1.79 26.65 3.48
N ARG C 4 -1.68 27.81 2.85
CA ARG C 4 -0.42 28.28 2.26
C ARG C 4 0.17 27.25 1.29
N THR C 5 -0.57 26.95 0.24
CA THR C 5 -0.11 26.01 -0.78
C THR C 5 0.98 26.63 -1.66
N LEU C 6 1.10 27.94 -1.59
CA LEU C 6 1.98 28.71 -2.48
C LEU C 6 3.44 28.28 -2.46
N THR C 7 4.03 28.22 -1.27
CA THR C 7 5.47 27.99 -1.14
C THR C 7 5.91 26.65 -1.71
N VAL C 8 5.08 25.64 -1.54
CA VAL C 8 5.38 24.31 -2.10
C VAL C 8 5.15 24.33 -3.60
N GLU C 9 4.05 24.98 -4.00
CA GLU C 9 3.64 25.06 -5.39
C GLU C 9 4.73 25.71 -6.25
N ARG C 10 5.48 26.65 -5.67
CA ARG C 10 6.55 27.35 -6.38
C ARG C 10 7.78 26.46 -6.55
N LEU C 11 8.03 25.61 -5.55
CA LEU C 11 9.19 24.72 -5.58
C LEU C 11 9.07 23.65 -6.67
N LEU C 12 7.83 23.28 -6.98
CA LEU C 12 7.58 22.25 -7.98
C LEU C 12 7.42 22.85 -9.37
N GLU C 13 7.19 24.16 -9.43
CA GLU C 13 7.00 24.85 -10.71
C GLU C 13 8.11 24.59 -11.73
N PRO C 14 9.40 24.69 -11.31
CA PRO C 14 10.42 24.44 -12.33
C PRO C 14 10.37 23.03 -12.90
N LEU C 15 9.85 22.07 -12.15
CA LEU C 15 9.71 20.70 -12.65
C LEU C 15 8.58 20.61 -13.66
N VAL C 16 7.44 21.20 -13.34
CA VAL C 16 6.30 21.26 -14.24
C VAL C 16 6.64 22.02 -15.53
N THR C 17 7.39 23.13 -15.39
CA THR C 17 7.77 23.92 -16.54
C THR C 17 8.76 23.17 -17.43
N GLN C 18 9.72 22.49 -16.79
CA GLN C 18 10.74 21.74 -17.49
C GLN C 18 10.12 20.64 -18.36
N VAL C 19 9.07 20.05 -17.82
CA VAL C 19 8.36 18.95 -18.47
C VAL C 19 7.62 19.45 -19.71
N THR C 20 7.29 20.74 -19.72
CA THR C 20 6.58 21.34 -20.84
C THR C 20 7.46 22.30 -21.64
N THR C 21 8.74 21.95 -21.82
CA THR C 21 9.67 22.81 -22.56
C THR C 21 10.36 22.04 -23.69
N LEU C 22 9.57 21.28 -24.44
CA LEU C 22 10.03 20.58 -25.65
C LEU C 22 11.25 19.70 -25.40
N ARG C 37 -4.98 18.86 -41.15
CA ARG C 37 -5.37 18.15 -39.94
C ARG C 37 -4.59 16.85 -39.78
N SER C 38 -4.28 16.50 -38.53
CA SER C 38 -3.51 15.30 -38.23
C SER C 38 -4.31 14.33 -37.36
N LYS C 39 -4.53 13.12 -37.87
CA LYS C 39 -5.33 12.13 -37.17
C LYS C 39 -4.58 11.54 -35.97
N LYS C 40 -3.27 11.38 -36.11
CA LYS C 40 -2.45 10.88 -35.01
C LYS C 40 -2.36 11.90 -33.88
N ALA C 41 -2.43 13.18 -34.24
CA ALA C 41 -2.42 14.24 -33.25
C ALA C 41 -3.71 14.23 -32.45
N HIS C 42 -4.80 13.86 -33.11
CA HIS C 42 -6.08 13.73 -32.43
C HIS C 42 -6.13 12.50 -31.54
N VAL C 43 -5.23 11.55 -31.79
CA VAL C 43 -5.11 10.38 -30.92
C VAL C 43 -4.47 10.80 -29.61
N LEU C 44 -3.35 11.52 -29.70
CA LEU C 44 -2.67 12.04 -28.51
C LEU C 44 -3.61 12.93 -27.69
N ALA C 45 -4.40 13.75 -28.38
CA ALA C 45 -5.35 14.63 -27.72
C ALA C 45 -6.40 13.85 -26.94
N ALA C 46 -6.97 12.83 -27.58
CA ALA C 46 -7.95 11.97 -26.93
C ALA C 46 -7.33 11.25 -25.73
N SER C 47 -6.05 10.93 -25.83
CA SER C 47 -5.34 10.33 -24.72
C SER C 47 -5.24 11.30 -23.54
N VAL C 48 -4.97 12.57 -23.85
CA VAL C 48 -4.92 13.60 -22.82
C VAL C 48 -6.29 13.74 -22.16
N GLU C 49 -7.34 13.71 -22.97
CA GLU C 49 -8.69 13.86 -22.46
C GLU C 49 -9.09 12.67 -21.56
N GLN C 50 -8.68 11.47 -21.94
CA GLN C 50 -8.97 10.28 -21.12
C GLN C 50 -8.22 10.35 -19.81
N ALA C 51 -6.92 10.62 -19.90
CA ALA C 51 -6.08 10.78 -18.72
C ALA C 51 -6.63 11.84 -17.79
N THR C 52 -7.15 12.92 -18.36
CA THR C 52 -7.75 14.01 -17.59
C THR C 52 -9.01 13.52 -16.88
N GLN C 53 -9.86 12.80 -17.61
CA GLN C 53 -11.10 12.26 -17.06
C GLN C 53 -10.82 11.25 -15.96
N ASN C 54 -9.84 10.37 -16.19
CA ASN C 54 -9.47 9.37 -15.20
C ASN C 54 -8.98 10.02 -13.91
N PHE C 55 -8.11 11.00 -14.05
CA PHE C 55 -7.55 11.71 -12.90
C PHE C 55 -8.65 12.38 -12.09
N LEU C 56 -9.62 12.94 -12.79
CA LEU C 56 -10.72 13.65 -12.14
C LEU C 56 -11.56 12.71 -11.30
N GLU C 57 -11.73 11.49 -11.78
CA GLU C 57 -12.49 10.46 -11.05
C GLU C 57 -11.82 10.14 -9.72
N LYS C 58 -10.51 9.94 -9.74
CA LYS C 58 -9.74 9.74 -8.52
C LYS C 58 -9.87 10.96 -7.61
N GLY C 59 -9.86 12.14 -8.21
CA GLY C 59 -9.94 13.38 -7.46
C GLY C 59 -11.27 13.57 -6.76
N GLU C 60 -12.36 13.25 -7.45
CA GLU C 60 -13.70 13.32 -6.87
C GLU C 60 -13.81 12.31 -5.74
N GLN C 61 -13.16 11.16 -5.92
CA GLN C 61 -13.14 10.11 -4.93
C GLN C 61 -12.45 10.58 -3.66
N ILE C 62 -11.21 11.03 -3.81
CA ILE C 62 -10.44 11.61 -2.71
C ILE C 62 -11.19 12.76 -2.03
N ALA C 63 -11.90 13.55 -2.83
CA ALA C 63 -12.65 14.69 -2.30
C ALA C 63 -13.77 14.27 -1.36
N LYS C 64 -14.63 13.36 -1.83
CA LYS C 64 -15.79 12.95 -1.05
C LYS C 64 -15.40 12.17 0.21
N GLU C 65 -14.33 11.41 0.12
CA GLU C 65 -13.92 10.51 1.21
C GLU C 65 -13.15 11.21 2.31
N SER C 66 -12.53 12.33 1.98
CA SER C 66 -11.72 13.04 2.96
C SER C 66 -12.59 13.71 4.02
N GLN C 67 -12.04 13.78 5.24
CA GLN C 67 -12.75 14.34 6.36
C GLN C 67 -12.07 15.63 6.82
N ASP C 68 -11.00 15.99 6.12
CA ASP C 68 -10.30 17.26 6.34
C ASP C 68 -10.22 18.01 5.02
N LEU C 69 -10.30 19.34 5.09
CA LEU C 69 -10.13 20.20 3.90
C LEU C 69 -11.07 19.82 2.77
N LYS C 70 -12.27 19.36 3.11
CA LYS C 70 -13.19 18.83 2.11
C LYS C 70 -13.64 19.93 1.15
N GLU C 71 -14.04 21.08 1.70
CA GLU C 71 -14.48 22.20 0.90
C GLU C 71 -13.35 22.68 -0.01
N GLU C 72 -12.17 22.82 0.57
CA GLU C 72 -10.98 23.22 -0.18
C GLU C 72 -10.66 22.23 -1.30
N LEU C 73 -10.65 20.94 -0.97
CA LEU C 73 -10.33 19.89 -1.94
C LEU C 73 -11.31 19.83 -3.11
N VAL C 74 -12.55 20.23 -2.87
CA VAL C 74 -13.54 20.24 -3.94
C VAL C 74 -13.19 21.33 -4.95
N ALA C 75 -12.86 22.51 -4.42
CA ALA C 75 -12.46 23.64 -5.26
C ALA C 75 -11.27 23.28 -6.14
N ALA C 76 -10.31 22.55 -5.58
CA ALA C 76 -9.12 22.15 -6.32
C ALA C 76 -9.46 21.21 -7.47
N VAL C 77 -10.46 20.35 -7.26
CA VAL C 77 -10.88 19.43 -8.31
C VAL C 77 -11.57 20.21 -9.41
N GLU C 78 -12.36 21.21 -9.03
CA GLU C 78 -13.03 22.07 -10.00
C GLU C 78 -12.02 22.90 -10.78
N ASP C 79 -10.92 23.26 -10.14
CA ASP C 79 -9.83 23.96 -10.83
C ASP C 79 -9.26 23.08 -11.95
N VAL C 80 -8.95 21.83 -11.59
CA VAL C 80 -8.40 20.87 -12.55
C VAL C 80 -9.36 20.65 -13.72
N ARG C 81 -10.62 20.42 -13.38
CA ARG C 81 -11.66 20.23 -14.39
C ARG C 81 -11.70 21.40 -15.37
N LYS C 82 -11.71 22.62 -14.84
CA LYS C 82 -11.72 23.83 -15.67
C LYS C 82 -10.51 23.90 -16.60
N GLN C 83 -9.31 23.78 -16.03
CA GLN C 83 -8.08 23.75 -16.82
C GLN C 83 -8.14 22.64 -17.86
N GLY C 84 -8.73 21.51 -17.46
CA GLY C 84 -8.89 20.37 -18.34
C GLY C 84 -9.67 20.73 -19.59
N GLU C 85 -10.75 21.48 -19.41
CA GLU C 85 -11.58 21.93 -20.53
C GLU C 85 -10.81 22.88 -21.43
N THR C 86 -10.05 23.79 -20.82
CA THR C 86 -9.19 24.69 -21.57
C THR C 86 -8.21 23.91 -22.42
N MET C 87 -7.50 22.98 -21.79
CA MET C 87 -6.52 22.13 -22.45
C MET C 87 -7.15 21.32 -23.58
N ARG C 88 -8.36 20.84 -23.37
CA ARG C 88 -9.06 20.06 -24.38
C ARG C 88 -9.31 20.88 -25.65
N ILE C 89 -9.81 22.10 -25.47
CA ILE C 89 -10.07 23.00 -26.58
C ILE C 89 -8.80 23.37 -27.33
N ALA C 90 -7.76 23.73 -26.57
CA ALA C 90 -6.48 24.13 -27.15
C ALA C 90 -5.82 22.98 -27.91
N SER C 91 -5.97 21.78 -27.39
CA SER C 91 -5.38 20.59 -27.98
C SER C 91 -6.13 20.17 -29.24
N SER C 92 -7.44 20.40 -29.24
CA SER C 92 -8.25 20.10 -30.41
C SER C 92 -7.90 21.06 -31.54
N GLU C 93 -7.77 22.34 -31.20
CA GLU C 93 -7.43 23.37 -32.18
C GLU C 93 -6.04 23.17 -32.76
N PHE C 94 -5.10 22.75 -31.91
CA PHE C 94 -3.75 22.45 -32.37
C PHE C 94 -3.76 21.25 -33.30
N ALA C 95 -4.62 20.28 -33.00
CA ALA C 95 -4.71 19.06 -33.80
C ALA C 95 -5.30 19.36 -35.16
N ASP C 96 -6.07 20.44 -35.26
CA ASP C 96 -6.66 20.86 -36.53
C ASP C 96 -5.60 21.37 -37.50
N ASP C 97 -4.66 22.17 -36.98
CA ASP C 97 -3.49 22.53 -37.77
C ASP C 97 -2.24 22.62 -36.91
N PRO C 98 -1.51 21.50 -36.80
CA PRO C 98 -0.29 21.38 -35.99
C PRO C 98 0.86 22.22 -36.56
N CYS C 99 0.60 22.96 -37.62
CA CYS C 99 1.61 23.82 -38.23
C CYS C 99 1.74 25.11 -37.43
N SER C 100 0.60 25.60 -36.94
CA SER C 100 0.54 26.90 -36.26
C SER C 100 1.36 26.94 -34.98
N SER C 101 2.24 27.93 -34.88
CA SER C 101 3.10 28.10 -33.72
C SER C 101 2.33 28.73 -32.56
N VAL C 102 1.26 29.42 -32.88
CA VAL C 102 0.43 30.08 -31.88
C VAL C 102 -0.38 29.02 -31.14
N LYS C 103 -1.14 28.23 -31.89
CA LYS C 103 -1.95 27.17 -31.32
C LYS C 103 -1.08 26.13 -30.61
N ARG C 104 0.15 25.99 -31.08
CA ARG C 104 1.15 25.17 -30.40
C ARG C 104 1.44 25.74 -29.02
N GLY C 105 1.77 27.02 -28.96
CA GLY C 105 2.10 27.66 -27.70
C GLY C 105 0.92 27.84 -26.78
N THR C 106 -0.28 27.88 -27.36
CA THR C 106 -1.50 28.09 -26.58
C THR C 106 -1.84 26.84 -25.77
N MET C 107 -1.65 25.66 -26.35
CA MET C 107 -1.89 24.43 -25.63
C MET C 107 -0.79 24.16 -24.61
N VAL C 108 0.44 24.56 -24.94
CA VAL C 108 1.55 24.39 -24.02
C VAL C 108 1.30 25.25 -22.79
N ARG C 109 0.81 26.46 -23.02
CA ARG C 109 0.41 27.32 -21.92
C ARG C 109 -0.75 26.69 -21.15
N ALA C 110 -1.67 26.05 -21.86
CA ALA C 110 -2.80 25.38 -21.23
C ALA C 110 -2.32 24.15 -20.48
N ALA C 111 -1.34 23.45 -21.06
CA ALA C 111 -0.73 22.30 -20.42
C ALA C 111 -0.13 22.66 -19.06
N ARG C 112 0.61 23.76 -19.00
CA ARG C 112 1.21 24.20 -17.75
C ARG C 112 0.15 24.52 -16.71
N ALA C 113 -0.92 25.18 -17.14
CA ALA C 113 -1.98 25.57 -16.21
C ALA C 113 -2.65 24.32 -15.65
N LEU C 114 -2.83 23.32 -16.50
CA LEU C 114 -3.43 22.06 -16.10
C LEU C 114 -2.56 21.33 -15.10
N LEU C 115 -1.27 21.18 -15.43
CA LEU C 115 -0.37 20.45 -14.56
C LEU C 115 -0.09 21.21 -13.26
N SER C 116 -0.21 22.53 -13.30
CA SER C 116 -0.07 23.33 -12.09
C SER C 116 -1.28 23.15 -11.17
N ALA C 117 -2.47 23.04 -11.78
CA ALA C 117 -3.68 22.73 -11.04
C ALA C 117 -3.56 21.37 -10.37
N VAL C 118 -3.08 20.38 -11.11
CA VAL C 118 -2.90 19.04 -10.57
C VAL C 118 -1.92 19.07 -9.41
N THR C 119 -0.81 19.77 -9.61
CA THR C 119 0.23 19.86 -8.60
C THR C 119 -0.32 20.43 -7.30
N ARG C 120 -1.21 21.41 -7.40
CA ARG C 120 -1.78 22.01 -6.19
C ARG C 120 -2.75 21.04 -5.52
N LEU C 121 -3.45 20.25 -6.31
CA LEU C 121 -4.39 19.26 -5.78
C LEU C 121 -3.66 18.23 -4.92
N LEU C 122 -2.52 17.76 -5.40
CA LEU C 122 -1.69 16.81 -4.65
C LEU C 122 -1.18 17.44 -3.37
N ILE C 123 -0.95 18.75 -3.41
CA ILE C 123 -0.48 19.50 -2.25
C ILE C 123 -1.54 19.53 -1.17
N LEU C 124 -2.79 19.77 -1.58
CA LEU C 124 -3.92 19.74 -0.65
C LEU C 124 -4.13 18.33 -0.12
N ALA C 125 -3.93 17.34 -1.00
CA ALA C 125 -4.09 15.95 -0.64
C ALA C 125 -3.08 15.53 0.44
N ASP C 126 -1.87 16.06 0.36
CA ASP C 126 -0.85 15.75 1.35
C ASP C 126 -1.16 16.39 2.70
N MET C 127 -1.79 17.56 2.68
CA MET C 127 -2.15 18.27 3.91
C MET C 127 -3.36 17.63 4.57
N ALA C 128 -4.22 17.02 3.75
CA ALA C 128 -5.35 16.27 4.26
C ALA C 128 -4.88 14.98 4.92
N ASP C 129 -3.90 14.34 4.29
CA ASP C 129 -3.26 13.15 4.82
C ASP C 129 -2.73 13.36 6.23
N VAL C 130 -2.08 14.50 6.45
CA VAL C 130 -1.44 14.76 7.73
C VAL C 130 -2.48 14.98 8.83
N MET C 131 -3.54 15.70 8.50
CA MET C 131 -4.62 15.94 9.45
C MET C 131 -5.30 14.62 9.79
N ARG C 132 -5.31 13.71 8.83
CA ARG C 132 -5.81 12.36 9.06
C ARG C 132 -4.91 11.64 10.06
N LEU C 133 -3.60 11.77 9.87
CA LEU C 133 -2.61 11.17 10.75
C LEU C 133 -2.65 11.79 12.15
N LEU C 134 -2.96 13.08 12.21
CA LEU C 134 -3.01 13.79 13.48
C LEU C 134 -4.28 13.46 14.27
N SER C 135 -5.35 13.11 13.58
CA SER C 135 -6.61 12.79 14.23
C SER C 135 -6.55 11.40 14.83
N HIS C 136 -5.88 10.49 14.13
CA HIS C 136 -5.71 9.12 14.61
C HIS C 136 -4.68 9.05 15.72
N LEU C 137 -3.80 10.04 15.77
CA LEU C 137 -2.79 10.11 16.82
C LEU C 137 -3.41 10.68 18.10
N LYS C 138 -4.58 11.30 17.97
CA LYS C 138 -5.32 11.80 19.13
C LYS C 138 -6.13 10.70 19.78
N ILE C 139 -6.66 9.81 18.95
CA ILE C 139 -7.48 8.68 19.42
C ILE C 139 -6.71 7.85 20.45
N VAL C 140 -5.41 7.71 20.24
CA VAL C 140 -4.55 7.02 21.19
C VAL C 140 -4.50 7.78 22.51
N GLU C 141 -4.43 9.10 22.41
CA GLU C 141 -4.37 9.93 23.60
C GLU C 141 -5.73 10.03 24.29
N GLU C 142 -6.80 10.07 23.49
CA GLU C 142 -8.15 10.19 24.02
C GLU C 142 -8.57 8.92 24.79
N ALA C 143 -7.96 7.80 24.46
CA ALA C 143 -8.25 6.54 25.14
C ALA C 143 -7.77 6.60 26.59
N LEU C 144 -6.57 7.13 26.78
CA LEU C 144 -6.00 7.31 28.12
C LEU C 144 -6.87 8.20 28.98
N GLU C 145 -7.45 9.23 28.37
CA GLU C 145 -8.32 10.16 29.08
C GLU C 145 -9.61 9.48 29.54
N ALA C 146 -9.86 8.28 29.03
CA ALA C 146 -10.99 7.48 29.45
C ALA C 146 -10.54 6.38 30.41
N VAL C 147 -9.29 5.93 30.23
CA VAL C 147 -8.70 4.93 31.12
C VAL C 147 -8.39 5.55 32.47
N LYS C 148 -7.94 6.79 32.45
CA LYS C 148 -7.56 7.52 33.65
C LYS C 148 -8.71 7.61 34.65
N ASN C 149 -9.94 7.63 34.14
CA ASN C 149 -11.12 7.68 34.98
C ASN C 149 -12.09 6.55 34.67
N ASN C 152 -14.50 2.18 38.82
CA ASN C 152 -14.58 0.76 39.10
C ASN C 152 -13.52 -0.03 38.33
N GLU C 153 -13.48 -1.34 38.57
CA GLU C 153 -12.49 -2.20 37.94
C GLU C 153 -13.02 -2.81 36.63
N GLN C 154 -14.32 -2.65 36.39
CA GLN C 154 -14.93 -3.18 35.18
C GLN C 154 -14.55 -2.31 33.97
N ASP C 155 -14.41 -1.02 34.21
CA ASP C 155 -13.97 -0.10 33.16
C ASP C 155 -12.48 -0.24 32.90
N LEU C 156 -11.71 -0.42 33.97
CA LEU C 156 -10.27 -0.56 33.86
C LEU C 156 -9.90 -1.87 33.18
N ALA C 157 -10.88 -2.75 33.04
CA ALA C 157 -10.70 -3.99 32.29
C ALA C 157 -11.35 -3.85 30.91
N ASN C 158 -11.94 -2.69 30.66
CA ASN C 158 -12.62 -2.43 29.40
C ASN C 158 -12.00 -1.24 28.66
N ARG C 159 -11.77 -0.15 29.37
CA ARG C 159 -11.14 1.03 28.79
C ARG C 159 -9.68 0.74 28.43
N PHE C 160 -9.03 -0.09 29.25
CA PHE C 160 -7.65 -0.47 29.02
C PHE C 160 -7.51 -1.29 27.74
N LYS C 161 -8.56 -2.03 27.40
CA LYS C 161 -8.57 -2.81 26.17
C LYS C 161 -8.50 -1.90 24.96
N GLU C 162 -9.27 -0.81 25.01
CA GLU C 162 -9.29 0.18 23.92
C GLU C 162 -7.90 0.78 23.70
N PHE C 163 -7.27 1.21 24.79
CA PHE C 163 -5.93 1.78 24.73
C PHE C 163 -4.91 0.74 24.29
N GLY C 164 -5.06 -0.49 24.77
CA GLY C 164 -4.16 -1.58 24.43
C GLY C 164 -4.19 -1.93 22.95
N LYS C 165 -5.36 -1.81 22.34
CA LYS C 165 -5.51 -2.08 20.92
C LYS C 165 -5.05 -0.89 20.08
N GLU C 166 -4.95 0.27 20.71
CA GLU C 166 -4.44 1.46 20.04
C GLU C 166 -2.92 1.48 20.08
N MET C 167 -2.34 0.75 21.03
CA MET C 167 -0.90 0.56 21.10
C MET C 167 -0.41 -0.16 19.86
N VAL C 168 -1.22 -1.09 19.37
CA VAL C 168 -0.94 -1.81 18.14
C VAL C 168 -1.05 -0.88 16.94
N LYS C 169 -2.12 -0.09 16.90
CA LYS C 169 -2.39 0.80 15.78
C LYS C 169 -1.51 2.05 15.80
N LEU C 170 -0.52 2.06 16.68
CA LEU C 170 0.43 3.16 16.76
C LEU C 170 1.85 2.65 16.52
N ASN C 171 2.10 1.43 16.96
CA ASN C 171 3.40 0.79 16.77
C ASN C 171 3.68 0.45 15.31
N TYR C 172 2.71 0.73 14.43
CA TYR C 172 2.92 0.64 13.01
C TYR C 172 3.61 1.90 12.50
N VAL C 173 3.11 3.05 12.94
CA VAL C 173 3.65 4.34 12.51
C VAL C 173 5.05 4.57 13.06
N ALA C 174 5.25 4.25 14.34
CA ALA C 174 6.53 4.45 14.99
C ALA C 174 7.61 3.53 14.42
N ALA C 175 7.21 2.37 13.92
CA ALA C 175 8.15 1.40 13.38
C ALA C 175 8.61 1.79 11.98
N ARG C 176 7.72 2.39 11.20
CA ARG C 176 8.07 2.85 9.87
C ARG C 176 8.99 4.07 9.95
N ARG C 177 8.80 4.87 10.99
CA ARG C 177 9.64 6.03 11.23
C ARG C 177 11.02 5.60 11.72
N GLN C 178 11.08 4.43 12.34
CA GLN C 178 12.32 3.92 12.90
C GLN C 178 13.21 3.26 11.83
N GLN C 179 12.58 2.57 10.89
CA GLN C 179 13.33 1.92 9.82
C GLN C 179 13.87 2.92 8.82
N ALA C 191 12.31 3.75 19.30
CA ALA C 191 12.83 2.55 19.94
C ALA C 191 12.71 2.63 21.46
N ALA C 192 13.43 3.57 22.06
CA ALA C 192 13.40 3.72 23.51
C ALA C 192 12.04 4.23 23.99
N ALA C 193 11.48 5.18 23.25
CA ALA C 193 10.17 5.73 23.58
C ALA C 193 9.06 4.71 23.33
N ARG C 194 9.39 3.68 22.57
CA ARG C 194 8.45 2.60 22.28
C ARG C 194 8.46 1.57 23.40
N GLY C 195 9.65 1.11 23.78
CA GLY C 195 9.81 0.11 24.81
C GLY C 195 9.41 0.59 26.19
N ALA C 196 9.61 1.89 26.44
CA ALA C 196 9.27 2.47 27.73
C ALA C 196 7.76 2.63 27.88
N LEU C 197 7.08 2.80 26.75
CA LEU C 197 5.63 2.99 26.76
C LEU C 197 4.91 1.69 27.09
N LYS C 198 5.56 0.56 26.83
CA LYS C 198 5.00 -0.74 27.19
C LYS C 198 4.94 -0.89 28.71
N LYS C 199 6.04 -0.57 29.38
CA LYS C 199 6.11 -0.69 30.83
C LYS C 199 5.23 0.36 31.50
N ASN C 200 5.21 1.56 30.94
CA ASN C 200 4.39 2.64 31.47
C ASN C 200 2.90 2.35 31.32
N ALA C 201 2.56 1.51 30.34
CA ALA C 201 1.17 1.08 30.15
C ALA C 201 0.76 0.14 31.28
N THR C 202 1.73 -0.63 31.76
CA THR C 202 1.49 -1.58 32.85
C THR C 202 1.46 -0.86 34.19
N MET C 203 2.16 0.25 34.28
CA MET C 203 2.24 1.03 35.51
C MET C 203 0.97 1.84 35.75
N LEU C 204 0.33 2.27 34.66
CA LEU C 204 -0.89 3.06 34.77
C LEU C 204 -2.07 2.19 35.18
N TYR C 205 -2.03 0.91 34.84
CA TYR C 205 -3.07 -0.02 35.23
C TYR C 205 -2.95 -0.35 36.72
N THR C 206 -1.74 -0.22 37.24
CA THR C 206 -1.48 -0.49 38.65
C THR C 206 -1.74 0.75 39.50
N ALA C 207 -1.42 1.92 38.95
CA ALA C 207 -1.62 3.18 39.66
C ALA C 207 -3.08 3.60 39.68
N SER C 208 -3.85 3.15 38.69
CA SER C 208 -5.27 3.47 38.61
C SER C 208 -6.10 2.48 39.41
N GLN C 209 -5.55 1.30 39.67
CA GLN C 209 -6.26 0.27 40.41
C GLN C 209 -6.16 0.52 41.92
N ALA C 210 -4.97 0.92 42.37
CA ALA C 210 -4.74 1.20 43.79
C ALA C 210 -5.53 2.42 44.24
N PHE C 211 -5.75 3.35 43.31
CA PHE C 211 -6.50 4.56 43.61
C PHE C 211 -8.00 4.26 43.76
N LEU C 212 -8.55 3.53 42.80
CA LEU C 212 -9.97 3.18 42.82
C LEU C 212 -10.33 2.34 44.04
N ARG C 221 -3.33 8.75 44.86
CA ARG C 221 -3.76 9.59 43.75
C ARG C 221 -2.58 10.29 43.10
N ALA C 222 -1.60 10.65 43.90
CA ALA C 222 -0.38 11.28 43.40
C ALA C 222 0.48 10.28 42.66
N ASN C 223 0.20 9.00 42.86
CA ASN C 223 0.89 7.93 42.17
C ASN C 223 0.35 7.75 40.74
N ARG C 224 -0.93 8.03 40.57
CA ARG C 224 -1.56 7.95 39.25
C ARG C 224 -1.20 9.16 38.40
N ASP C 225 -1.22 10.33 39.03
CA ASP C 225 -0.94 11.59 38.33
C ASP C 225 0.51 11.67 37.87
N TYR C 226 1.39 10.89 38.50
CA TYR C 226 2.78 10.84 38.10
C TYR C 226 2.98 9.97 36.87
N VAL C 227 2.41 8.77 36.91
CA VAL C 227 2.53 7.82 35.80
C VAL C 227 1.87 8.37 34.55
N PHE C 228 0.75 9.07 34.72
CA PHE C 228 0.03 9.67 33.61
C PHE C 228 0.90 10.70 32.88
N LYS C 229 1.74 11.41 33.64
CA LYS C 229 2.66 12.38 33.05
C LYS C 229 3.78 11.68 32.29
N GLN C 230 4.20 10.52 32.79
CA GLN C 230 5.28 9.76 32.17
C GLN C 230 4.86 9.22 30.80
N VAL C 231 3.55 9.08 30.61
CA VAL C 231 3.01 8.62 29.33
C VAL C 231 2.96 9.78 28.34
N GLN C 232 2.63 10.96 28.84
CA GLN C 232 2.60 12.16 28.01
C GLN C 232 4.00 12.46 27.45
N GLU C 233 5.01 12.12 28.23
CA GLU C 233 6.40 12.23 27.78
C GLU C 233 6.69 11.18 26.72
N ALA C 234 5.96 10.07 26.79
CA ALA C 234 6.13 8.96 25.86
C ALA C 234 5.23 9.11 24.64
N ILE C 235 4.14 9.87 24.80
CA ILE C 235 3.24 10.16 23.69
C ILE C 235 3.86 11.21 22.78
N ALA C 236 4.31 12.30 23.37
CA ALA C 236 4.98 13.35 22.62
C ALA C 236 6.37 12.90 22.21
N GLY C 237 6.93 11.94 22.94
CA GLY C 237 8.25 11.42 22.65
C GLY C 237 8.30 10.68 21.33
N ILE C 238 7.29 9.87 21.06
CA ILE C 238 7.21 9.14 19.80
C ILE C 238 6.76 10.08 18.68
N SER C 239 5.88 11.02 19.03
CA SER C 239 5.33 11.95 18.05
C SER C 239 6.37 12.94 17.53
N SER C 240 7.19 13.51 18.41
CA SER C 240 8.17 14.50 18.00
C SER C 240 9.29 13.87 17.17
N ALA C 241 9.73 12.68 17.57
CA ALA C 241 10.77 11.96 16.85
C ALA C 241 10.29 11.55 15.46
N ALA C 242 8.97 11.48 15.30
CA ALA C 242 8.36 11.16 14.02
C ALA C 242 8.29 12.39 13.13
N GLY D 21 4.77 20.91 10.49
CA GLY D 21 6.14 21.01 10.97
C GLY D 21 7.10 20.11 10.23
N GLN D 22 7.27 18.89 10.72
CA GLN D 22 8.15 17.91 10.10
C GLN D 22 7.63 17.51 8.73
N TYR D 23 6.31 17.48 8.60
CA TYR D 23 5.67 17.07 7.35
C TYR D 23 5.56 18.23 6.36
N ALA D 24 5.55 19.45 6.89
CA ALA D 24 5.47 20.64 6.05
C ALA D 24 6.71 20.78 5.17
N MET D 25 7.86 20.42 5.72
CA MET D 25 9.12 20.53 4.99
C MET D 25 9.23 19.47 3.90
N THR D 26 8.79 18.26 4.22
CA THR D 26 8.93 17.14 3.31
C THR D 26 7.72 16.99 2.37
N ARG D 27 6.80 17.95 2.44
CA ARG D 27 5.63 17.91 1.56
C ARG D 27 6.03 17.95 0.09
N ALA D 28 7.02 18.79 -0.22
CA ALA D 28 7.48 18.96 -1.59
C ALA D 28 8.02 17.64 -2.16
N GLN D 29 8.75 16.90 -1.34
CA GLN D 29 9.33 15.63 -1.78
C GLN D 29 8.27 14.55 -2.03
N ARG D 30 7.26 14.47 -1.18
CA ARG D 30 6.19 13.48 -1.39
C ARG D 30 5.41 13.79 -2.66
N VAL D 31 5.07 15.05 -2.85
CA VAL D 31 4.35 15.48 -4.05
C VAL D 31 5.21 15.27 -5.30
N ARG D 32 6.49 15.59 -5.18
CA ARG D 32 7.45 15.36 -6.25
C ARG D 32 7.58 13.87 -6.55
N ALA D 33 7.43 13.05 -5.52
CA ALA D 33 7.56 11.60 -5.66
C ALA D 33 6.41 11.00 -6.45
N ALA D 34 5.20 11.47 -6.16
CA ALA D 34 3.99 10.89 -6.74
C ALA D 34 3.83 11.26 -8.21
N MET D 35 4.36 12.42 -8.61
CA MET D 35 4.16 12.90 -9.96
C MET D 35 5.44 12.82 -10.79
N PHE D 36 6.59 12.96 -10.12
CA PHE D 36 7.87 12.87 -10.81
C PHE D 36 8.81 11.87 -10.12
N PRO D 37 8.45 10.59 -10.13
CA PRO D 37 9.27 9.60 -9.40
C PRO D 37 10.62 9.36 -10.04
N GLU D 38 10.78 9.75 -11.30
CA GLU D 38 12.04 9.59 -12.01
C GLU D 38 13.04 10.67 -11.65
N THR D 39 12.56 11.74 -11.03
CA THR D 39 13.42 12.86 -10.66
C THR D 39 13.98 12.70 -9.27
N LEU D 40 13.55 11.66 -8.56
CA LEU D 40 13.98 11.45 -7.19
C LEU D 40 15.18 10.53 -7.06
N ASP D 41 15.97 10.76 -6.01
CA ASP D 41 17.09 9.89 -5.69
C ASP D 41 16.57 8.64 -4.98
N GLU D 42 17.19 7.51 -5.26
CA GLU D 42 16.74 6.23 -4.69
C GLU D 42 17.15 6.08 -3.23
N GLY D 43 17.84 7.09 -2.69
CA GLY D 43 18.35 7.01 -1.34
C GLY D 43 17.83 8.07 -0.39
N MET D 44 16.75 8.76 -0.78
CA MET D 44 16.17 9.77 0.08
C MET D 44 15.09 9.17 0.97
N GLN D 45 15.28 9.28 2.28
CA GLN D 45 14.26 8.84 3.23
C GLN D 45 13.04 9.77 3.14
N ILE D 46 11.96 9.25 2.56
CA ILE D 46 10.74 10.03 2.41
C ILE D 46 9.68 9.56 3.40
N PRO D 47 9.50 10.32 4.49
CA PRO D 47 8.54 9.97 5.55
C PRO D 47 7.09 9.99 5.07
N SER D 48 6.54 8.82 4.78
CA SER D 48 5.15 8.75 4.35
C SER D 48 4.21 9.05 5.51
N THR D 49 3.00 9.46 5.19
CA THR D 49 2.01 9.81 6.20
C THR D 49 0.95 8.70 6.30
N GLN D 50 1.35 7.48 5.95
CA GLN D 50 0.41 6.37 5.98
C GLN D 50 0.24 5.89 7.42
N PHE D 51 -1.01 5.94 7.90
CA PHE D 51 -1.31 5.61 9.29
C PHE D 51 -1.73 4.15 9.43
N ASP D 52 -2.10 3.54 8.31
CA ASP D 52 -2.47 2.13 8.30
C ASP D 52 -2.17 1.49 6.94
N ALA D 53 -1.55 0.32 6.97
CA ALA D 53 -1.10 -0.37 5.76
C ALA D 53 -2.24 -0.73 4.80
N ALA D 54 -3.45 -0.86 5.34
CA ALA D 54 -4.58 -1.29 4.53
C ALA D 54 -5.19 -0.13 3.76
N HIS D 55 -4.87 1.08 4.20
CA HIS D 55 -5.38 2.29 3.54
C HIS D 55 -4.24 3.14 3.03
N PRO D 56 -4.10 3.22 1.69
CA PRO D 56 -3.09 4.09 1.08
C PRO D 56 -3.53 5.55 1.12
N THR D 57 -2.57 6.47 1.20
CA THR D 57 -2.86 7.89 1.33
C THR D 57 -3.46 8.50 0.06
N ASN D 58 -3.98 9.72 0.19
CA ASN D 58 -4.51 10.46 -0.94
C ASN D 58 -3.48 10.63 -2.06
N VAL D 59 -2.26 11.02 -1.67
CA VAL D 59 -1.16 11.20 -2.61
C VAL D 59 -0.81 9.88 -3.34
N GLN D 60 -0.69 8.79 -2.58
CA GLN D 60 -0.40 7.49 -3.17
C GLN D 60 -1.43 7.10 -4.22
N ARG D 61 -2.70 7.41 -3.93
CA ARG D 61 -3.79 7.06 -4.83
C ARG D 61 -3.85 7.99 -6.05
N LEU D 62 -3.43 9.24 -5.88
CA LEU D 62 -3.44 10.21 -6.98
C LEU D 62 -2.17 10.16 -7.79
N ALA D 63 -1.20 9.37 -7.33
CA ALA D 63 0.10 9.28 -8.00
C ALA D 63 -0.02 8.80 -9.44
N GLU D 64 -0.49 7.57 -9.62
CA GLU D 64 -0.57 6.98 -10.95
C GLU D 64 -1.47 7.76 -11.93
N PRO D 65 -2.67 8.19 -11.49
CA PRO D 65 -3.45 8.96 -12.47
C PRO D 65 -2.79 10.28 -12.86
N SER D 66 -1.93 10.82 -12.00
CA SER D 66 -1.25 12.07 -12.31
C SER D 66 -0.01 11.84 -13.16
N GLN D 67 0.52 10.62 -13.13
CA GLN D 67 1.68 10.28 -13.95
C GLN D 67 1.23 9.90 -15.36
N MET D 68 0.02 9.37 -15.46
CA MET D 68 -0.55 9.05 -16.75
C MET D 68 -0.84 10.34 -17.50
N LEU D 69 -1.35 11.32 -16.76
CA LEU D 69 -1.70 12.61 -17.33
C LEU D 69 -0.48 13.33 -17.87
N LYS D 70 0.58 13.41 -17.07
CA LYS D 70 1.78 14.11 -17.50
C LYS D 70 2.38 13.44 -18.74
N HIS D 71 2.26 12.12 -18.83
CA HIS D 71 2.81 11.39 -19.97
C HIS D 71 2.04 11.69 -21.24
N ALA D 72 0.72 11.82 -21.10
CA ALA D 72 -0.14 12.11 -22.24
C ALA D 72 0.08 13.55 -22.72
N VAL D 73 0.25 14.46 -21.77
CA VAL D 73 0.49 15.86 -22.09
C VAL D 73 1.83 16.04 -22.82
N VAL D 74 2.87 15.39 -22.32
CA VAL D 74 4.20 15.50 -22.92
C VAL D 74 4.22 15.01 -24.37
N ASN D 75 3.61 13.85 -24.61
CA ASN D 75 3.56 13.28 -25.96
C ASN D 75 2.84 14.18 -26.95
N LEU D 76 1.75 14.80 -26.51
CA LEU D 76 1.01 15.74 -27.34
C LEU D 76 1.83 16.98 -27.63
N ILE D 77 2.42 17.55 -26.58
CA ILE D 77 3.26 18.74 -26.67
C ILE D 77 4.42 18.53 -27.64
N ASN D 78 5.02 17.35 -27.61
CA ASN D 78 6.17 17.06 -28.45
C ASN D 78 5.79 16.37 -29.76
N TYR D 79 4.53 16.50 -30.15
CA TYR D 79 4.08 15.99 -31.44
C TYR D 79 4.83 16.66 -32.59
N GLN D 80 5.54 15.86 -33.37
CA GLN D 80 6.24 16.36 -34.55
C GLN D 80 6.05 15.44 -35.74
N ASP D 81 5.51 15.97 -36.81
CA ASP D 81 5.30 15.20 -38.04
C ASP D 81 5.14 16.12 -39.24
#